data_2N3P
#
_entry.id   2N3P
#
_entity_poly.entity_id   1
_entity_poly.type   'polypeptide(L)'
_entity_poly.pdbx_seq_one_letter_code
;(PCA)WCAEEGESCEVYPCCDGLICYPTFPEPICGV
;
_entity_poly.pdbx_strand_id   A
#
# COMPACT_ATOMS: atom_id res chain seq x y z
N TRP A 2 -7.63 5.27 8.04
CA TRP A 2 -6.37 6.02 7.95
C TRP A 2 -5.27 5.22 7.25
N CYS A 3 -5.36 3.88 7.33
CA CYS A 3 -4.39 2.98 6.72
C CYS A 3 -4.68 2.77 5.22
N ALA A 4 -3.62 2.41 4.48
CA ALA A 4 -3.73 2.16 3.05
C ALA A 4 -4.22 0.74 2.77
N GLU A 5 -5.36 0.62 2.07
CA GLU A 5 -5.96 -0.69 1.76
C GLU A 5 -5.42 -1.25 0.43
N GLU A 6 -6.22 -2.15 -0.19
CA GLU A 6 -5.84 -2.77 -1.47
C GLU A 6 -6.14 -1.85 -2.66
N GLY A 7 -5.07 -1.39 -3.31
CA GLY A 7 -5.20 -0.51 -4.46
C GLY A 7 -4.88 0.94 -4.12
N GLU A 8 -4.35 1.16 -2.92
CA GLU A 8 -3.99 2.49 -2.44
C GLU A 8 -2.48 2.58 -2.19
N SER A 9 -1.97 3.81 -2.17
CA SER A 9 -0.54 4.06 -1.95
C SER A 9 -0.17 3.99 -0.47
N CYS A 10 0.93 3.30 -0.18
CA CYS A 10 1.41 3.16 1.20
C CYS A 10 2.65 4.04 1.45
N GLU A 11 2.65 5.23 0.82
CA GLU A 11 3.74 6.19 0.95
C GLU A 11 3.57 7.10 2.19
N VAL A 12 2.38 7.04 2.79
CA VAL A 12 2.06 7.85 3.98
C VAL A 12 1.60 6.94 5.13
N TYR A 13 0.82 5.90 4.78
CA TYR A 13 0.31 4.94 5.76
C TYR A 13 0.52 3.50 5.29
N PRO A 14 0.65 2.53 6.24
CA PRO A 14 0.86 1.09 5.93
C PRO A 14 -0.39 0.42 5.34
N CYS A 15 -0.38 -0.91 5.25
CA CYS A 15 -1.52 -1.67 4.71
C CYS A 15 -2.57 -1.91 5.80
N CYS A 16 -3.70 -2.52 5.43
CA CYS A 16 -4.79 -2.75 6.38
C CYS A 16 -5.10 -4.25 6.58
N ASP A 17 -5.38 -4.96 5.49
CA ASP A 17 -5.71 -6.39 5.54
C ASP A 17 -4.46 -7.29 5.55
N GLY A 18 -3.30 -6.69 5.77
CA GLY A 18 -2.05 -7.43 5.79
C GLY A 18 -1.39 -7.52 4.42
N LEU A 19 -1.53 -6.44 3.64
CA LEU A 19 -0.98 -6.36 2.29
C LEU A 19 0.51 -5.98 2.32
N ILE A 20 1.15 -6.05 1.15
CA ILE A 20 2.57 -5.74 1.01
C ILE A 20 2.76 -4.53 0.10
N CYS A 21 3.76 -3.70 0.44
CA CYS A 21 4.09 -2.51 -0.34
C CYS A 21 4.96 -2.90 -1.54
N TYR A 22 4.31 -2.95 -2.71
CA TYR A 22 4.97 -3.31 -3.96
C TYR A 22 5.74 -2.12 -4.54
N PRO A 23 6.95 -2.36 -5.12
CA PRO A 23 7.79 -1.30 -5.71
C PRO A 23 7.18 -0.74 -7.02
N THR A 24 6.00 -0.12 -6.86
CA THR A 24 5.27 0.46 -7.98
C THR A 24 5.59 1.95 -8.14
N PHE A 25 5.49 2.44 -9.38
CA PHE A 25 5.77 3.83 -9.67
C PHE A 25 4.49 4.62 -9.95
N PRO A 26 4.44 5.92 -9.51
CA PRO A 26 5.53 6.60 -8.79
C PRO A 26 5.63 6.18 -7.32
N GLU A 27 4.47 5.92 -6.68
CA GLU A 27 4.43 5.52 -5.27
C GLU A 27 3.99 4.04 -5.14
N PRO A 28 4.54 3.28 -4.13
CA PRO A 28 4.19 1.86 -3.92
C PRO A 28 2.72 1.65 -3.53
N ILE A 29 2.22 0.43 -3.77
CA ILE A 29 0.83 0.08 -3.45
C ILE A 29 0.79 -1.14 -2.53
N CYS A 30 -0.27 -1.24 -1.73
CA CYS A 30 -0.46 -2.34 -0.80
C CYS A 30 -1.19 -3.51 -1.48
N GLY A 31 -0.53 -4.67 -1.55
CA GLY A 31 -1.13 -5.85 -2.18
C GLY A 31 -0.59 -7.15 -1.63
N VAL A 32 -1.47 -8.17 -1.56
CA VAL A 32 -1.09 -9.51 -1.07
C VAL A 32 -0.66 -10.43 -2.22
N TRP A 2 -7.66 5.37 7.84
CA TRP A 2 -6.35 6.03 7.95
C TRP A 2 -5.26 5.22 7.25
N CYS A 3 -5.36 3.89 7.33
CA CYS A 3 -4.40 2.98 6.71
C CYS A 3 -4.68 2.78 5.21
N ALA A 4 -3.63 2.41 4.47
CA ALA A 4 -3.73 2.15 3.03
C ALA A 4 -4.22 0.73 2.76
N GLU A 5 -5.37 0.62 2.07
CA GLU A 5 -5.96 -0.69 1.76
C GLU A 5 -5.43 -1.25 0.42
N GLU A 6 -6.21 -2.15 -0.20
CA GLU A 6 -5.84 -2.77 -1.48
C GLU A 6 -6.14 -1.86 -2.67
N GLY A 7 -5.07 -1.40 -3.33
CA GLY A 7 -5.20 -0.51 -4.46
C GLY A 7 -4.88 0.94 -4.12
N GLU A 8 -4.35 1.15 -2.91
CA GLU A 8 -3.99 2.49 -2.44
C GLU A 8 -2.48 2.58 -2.19
N SER A 9 -1.97 3.81 -2.17
CA SER A 9 -0.54 4.06 -1.95
C SER A 9 -0.17 3.99 -0.47
N CYS A 10 0.93 3.30 -0.18
CA CYS A 10 1.41 3.16 1.20
C CYS A 10 2.64 4.04 1.44
N GLU A 11 2.64 5.22 0.83
CA GLU A 11 3.75 6.19 0.96
C GLU A 11 3.57 7.09 2.20
N VAL A 12 2.38 7.04 2.80
CA VAL A 12 2.07 7.85 3.99
C VAL A 12 1.60 6.94 5.13
N TYR A 13 0.83 5.90 4.78
CA TYR A 13 0.32 4.95 5.76
C TYR A 13 0.53 3.50 5.29
N PRO A 14 0.65 2.53 6.26
CA PRO A 14 0.86 1.10 5.94
C PRO A 14 -0.39 0.43 5.33
N CYS A 15 -0.38 -0.91 5.24
CA CYS A 15 -1.52 -1.67 4.71
C CYS A 15 -2.57 -1.91 5.80
N CYS A 16 -3.71 -2.51 5.43
CA CYS A 16 -4.80 -2.75 6.38
C CYS A 16 -5.09 -4.24 6.58
N ASP A 17 -5.39 -4.96 5.48
CA ASP A 17 -5.71 -6.39 5.54
C ASP A 17 -4.47 -7.29 5.55
N GLY A 18 -3.30 -6.67 5.77
CA GLY A 18 -2.04 -7.43 5.80
C GLY A 18 -1.40 -7.52 4.43
N LEU A 19 -1.53 -6.44 3.64
CA LEU A 19 -0.98 -6.36 2.29
C LEU A 19 0.51 -5.98 2.32
N ILE A 20 1.15 -6.05 1.15
CA ILE A 20 2.57 -5.74 1.01
C ILE A 20 2.76 -4.53 0.10
N CYS A 21 3.76 -3.70 0.44
CA CYS A 21 4.09 -2.51 -0.34
C CYS A 21 4.95 -2.90 -1.55
N TYR A 22 4.31 -2.95 -2.71
CA TYR A 22 4.97 -3.31 -3.96
C TYR A 22 5.74 -2.12 -4.54
N PRO A 23 6.95 -2.36 -5.12
CA PRO A 23 7.79 -1.30 -5.71
C PRO A 23 7.18 -0.74 -7.02
N THR A 24 6.00 -0.12 -6.86
CA THR A 24 5.27 0.46 -7.98
C THR A 24 5.58 1.94 -8.15
N PHE A 25 5.49 2.44 -9.38
CA PHE A 25 5.76 3.84 -9.66
C PHE A 25 4.48 4.62 -9.95
N PRO A 26 4.42 5.91 -9.51
CA PRO A 26 5.52 6.60 -8.78
C PRO A 26 5.63 6.18 -7.31
N GLU A 27 4.47 5.92 -6.68
CA GLU A 27 4.42 5.52 -5.28
C GLU A 27 3.99 4.04 -5.14
N PRO A 28 4.54 3.28 -4.13
CA PRO A 28 4.19 1.86 -3.92
C PRO A 28 2.72 1.65 -3.53
N ILE A 29 2.22 0.43 -3.77
CA ILE A 29 0.83 0.08 -3.45
C ILE A 29 0.79 -1.14 -2.53
N CYS A 30 -0.27 -1.24 -1.73
CA CYS A 30 -0.46 -2.35 -0.81
C CYS A 30 -1.19 -3.51 -1.48
N GLY A 31 -0.53 -4.67 -1.55
CA GLY A 31 -1.12 -5.85 -2.18
C GLY A 31 -0.59 -7.15 -1.63
N VAL A 32 -1.46 -8.17 -1.57
CA VAL A 32 -1.09 -9.51 -1.07
C VAL A 32 -0.67 -10.42 -2.21
N TRP A 2 -7.70 5.36 7.85
CA TRP A 2 -6.42 6.06 7.90
C TRP A 2 -5.32 5.26 7.21
N CYS A 3 -5.41 3.93 7.30
CA CYS A 3 -4.43 3.02 6.70
C CYS A 3 -4.71 2.80 5.21
N ALA A 4 -3.65 2.42 4.48
CA ALA A 4 -3.74 2.17 3.04
C ALA A 4 -4.22 0.74 2.77
N GLU A 5 -5.36 0.63 2.08
CA GLU A 5 -5.97 -0.67 1.76
C GLU A 5 -5.43 -1.23 0.43
N GLU A 6 -6.22 -2.12 -0.21
CA GLU A 6 -5.83 -2.74 -1.48
C GLU A 6 -6.11 -1.82 -2.68
N GLY A 7 -5.04 -1.37 -3.32
CA GLY A 7 -5.16 -0.47 -4.46
C GLY A 7 -4.83 0.97 -4.11
N GLU A 8 -4.32 1.18 -2.89
CA GLU A 8 -3.94 2.52 -2.41
C GLU A 8 -2.45 2.60 -2.16
N SER A 9 -1.92 3.82 -2.13
CA SER A 9 -0.49 4.06 -1.91
C SER A 9 -0.13 3.98 -0.43
N CYS A 10 0.92 3.21 -0.13
CA CYS A 10 1.40 3.04 1.24
C CYS A 10 2.62 3.93 1.52
N GLU A 11 2.68 5.07 0.82
CA GLU A 11 3.77 6.04 0.97
C GLU A 11 3.52 7.01 2.14
N VAL A 12 2.30 6.98 2.69
CA VAL A 12 1.92 7.84 3.80
C VAL A 12 1.46 6.99 4.99
N TYR A 13 0.76 5.89 4.69
CA TYR A 13 0.27 4.97 5.70
C TYR A 13 0.48 3.50 5.29
N PRO A 14 0.62 2.57 6.28
CA PRO A 14 0.83 1.13 6.00
C PRO A 14 -0.41 0.44 5.40
N CYS A 15 -0.37 -0.89 5.26
CA CYS A 15 -1.51 -1.66 4.71
C CYS A 15 -2.56 -1.90 5.81
N CYS A 16 -3.70 -2.50 5.43
CA CYS A 16 -4.79 -2.73 6.38
C CYS A 16 -5.08 -4.23 6.58
N ASP A 17 -5.37 -4.95 5.49
CA ASP A 17 -5.71 -6.38 5.56
C ASP A 17 -4.45 -7.28 5.57
N GLY A 18 -3.28 -6.66 5.79
CA GLY A 18 -2.01 -7.40 5.81
C GLY A 18 -1.38 -7.50 4.43
N LEU A 19 -1.51 -6.42 3.64
CA LEU A 19 -0.97 -6.34 2.29
C LEU A 19 0.52 -5.98 2.32
N ILE A 20 1.16 -6.07 1.14
CA ILE A 20 2.58 -5.76 1.01
C ILE A 20 2.78 -4.55 0.09
N CYS A 21 3.79 -3.74 0.42
CA CYS A 21 4.14 -2.55 -0.36
C CYS A 21 4.97 -2.93 -1.57
N TYR A 22 4.32 -2.96 -2.73
CA TYR A 22 4.96 -3.31 -3.99
C TYR A 22 5.74 -2.13 -4.57
N PRO A 23 6.94 -2.38 -5.15
CA PRO A 23 7.78 -1.31 -5.76
C PRO A 23 7.15 -0.75 -7.05
N THR A 24 5.99 -0.11 -6.88
CA THR A 24 5.25 0.47 -7.99
C THR A 24 5.57 1.96 -8.15
N PHE A 25 5.44 2.46 -9.38
CA PHE A 25 5.73 3.86 -9.67
C PHE A 25 4.44 4.65 -9.92
N PRO A 26 4.39 5.95 -9.48
CA PRO A 26 5.50 6.62 -8.77
C PRO A 26 5.64 6.19 -7.30
N GLU A 27 4.50 5.94 -6.65
CA GLU A 27 4.47 5.52 -5.25
C GLU A 27 4.02 4.05 -5.11
N PRO A 28 4.58 3.28 -4.13
CA PRO A 28 4.22 1.85 -3.91
C PRO A 28 2.75 1.66 -3.51
N ILE A 29 2.23 0.44 -3.76
CA ILE A 29 0.84 0.10 -3.44
C ILE A 29 0.81 -1.12 -2.53
N CYS A 30 -0.25 -1.23 -1.72
CA CYS A 30 -0.45 -2.33 -0.79
C CYS A 30 -1.19 -3.49 -1.47
N GLY A 31 -0.54 -4.66 -1.54
CA GLY A 31 -1.14 -5.82 -2.17
C GLY A 31 -0.60 -7.14 -1.63
N VAL A 32 -1.48 -8.15 -1.57
CA VAL A 32 -1.10 -9.49 -1.09
C VAL A 32 -0.70 -10.40 -2.24
N TRP A 2 -7.58 5.26 8.18
CA TRP A 2 -6.42 6.09 7.86
C TRP A 2 -5.31 5.27 7.18
N CYS A 3 -5.41 3.94 7.28
CA CYS A 3 -4.43 3.03 6.68
C CYS A 3 -4.70 2.81 5.19
N ALA A 4 -3.66 2.41 4.46
CA ALA A 4 -3.75 2.14 3.02
C ALA A 4 -4.24 0.72 2.76
N GLU A 5 -5.38 0.60 2.07
CA GLU A 5 -5.98 -0.70 1.76
C GLU A 5 -5.45 -1.26 0.42
N GLU A 6 -6.23 -2.16 -0.21
CA GLU A 6 -5.86 -2.78 -1.48
C GLU A 6 -6.16 -1.85 -2.66
N GLY A 7 -5.09 -1.39 -3.31
CA GLY A 7 -5.22 -0.49 -4.45
C GLY A 7 -4.89 0.96 -4.10
N GLU A 8 -4.35 1.16 -2.89
CA GLU A 8 -3.97 2.49 -2.41
C GLU A 8 -2.47 2.56 -2.16
N SER A 9 -1.93 3.78 -2.14
CA SER A 9 -0.50 4.01 -1.93
C SER A 9 -0.12 3.94 -0.44
N CYS A 10 0.94 3.18 -0.16
CA CYS A 10 1.42 3.01 1.21
C CYS A 10 2.64 3.91 1.48
N GLU A 11 2.67 5.06 0.80
CA GLU A 11 3.76 6.03 0.92
C GLU A 11 3.52 7.00 2.09
N VAL A 12 2.31 6.98 2.64
CA VAL A 12 1.92 7.84 3.75
C VAL A 12 1.47 7.00 4.95
N TYR A 13 0.76 5.90 4.65
CA TYR A 13 0.27 4.98 5.68
C TYR A 13 0.49 3.52 5.26
N PRO A 14 0.63 2.58 6.25
CA PRO A 14 0.84 1.14 5.99
C PRO A 14 -0.41 0.47 5.39
N CYS A 15 -0.37 -0.87 5.25
CA CYS A 15 -1.51 -1.64 4.71
C CYS A 15 -2.56 -1.87 5.81
N CYS A 16 -3.70 -2.46 5.43
CA CYS A 16 -4.78 -2.70 6.38
C CYS A 16 -5.07 -4.19 6.61
N ASP A 17 -5.34 -4.92 5.52
CA ASP A 17 -5.65 -6.36 5.60
C ASP A 17 -4.39 -7.24 5.62
N GLY A 18 -3.22 -6.61 5.82
CA GLY A 18 -1.95 -7.32 5.86
C GLY A 18 -1.32 -7.44 4.49
N LEU A 19 -1.49 -6.39 3.68
CA LEU A 19 -0.95 -6.34 2.31
C LEU A 19 0.54 -5.96 2.31
N ILE A 20 1.18 -6.15 1.15
CA ILE A 20 2.60 -5.85 0.99
C ILE A 20 2.78 -4.62 0.10
N CYS A 21 3.80 -3.82 0.41
CA CYS A 21 4.12 -2.61 -0.36
C CYS A 21 4.94 -2.98 -1.59
N TYR A 22 4.28 -2.98 -2.75
CA TYR A 22 4.92 -3.31 -4.01
C TYR A 22 5.70 -2.12 -4.58
N PRO A 23 6.91 -2.38 -5.17
CA PRO A 23 7.75 -1.30 -5.76
C PRO A 23 7.13 -0.73 -7.05
N THR A 24 5.98 -0.08 -6.87
CA THR A 24 5.24 0.52 -7.99
C THR A 24 5.58 2.00 -8.12
N PHE A 25 5.47 2.50 -9.35
CA PHE A 25 5.77 3.90 -9.63
C PHE A 25 4.50 4.72 -9.87
N PRO A 26 4.48 6.00 -9.43
CA PRO A 26 5.61 6.66 -8.72
C PRO A 26 5.72 6.23 -7.25
N GLU A 27 4.57 5.96 -6.62
CA GLU A 27 4.52 5.53 -5.22
C GLU A 27 4.04 4.08 -5.09
N PRO A 28 4.59 3.28 -4.11
CA PRO A 28 4.21 1.87 -3.90
C PRO A 28 2.73 1.68 -3.50
N ILE A 29 2.22 0.47 -3.76
CA ILE A 29 0.82 0.13 -3.45
C ILE A 29 0.79 -1.09 -2.52
N CYS A 30 -0.29 -1.21 -1.74
CA CYS A 30 -0.48 -2.32 -0.80
C CYS A 30 -1.22 -3.48 -1.48
N GLY A 31 -0.56 -4.64 -1.53
CA GLY A 31 -1.15 -5.82 -2.15
C GLY A 31 -0.58 -7.12 -1.63
N VAL A 32 -1.44 -8.14 -1.51
CA VAL A 32 -1.05 -9.47 -1.02
C VAL A 32 -0.60 -10.38 -2.17
N TRP A 2 -7.83 5.43 7.54
CA TRP A 2 -6.52 6.10 7.64
C TRP A 2 -5.42 5.27 6.98
N CYS A 3 -5.53 3.95 7.10
CA CYS A 3 -4.55 3.02 6.54
C CYS A 3 -4.80 2.77 5.04
N ALA A 4 -3.74 2.36 4.35
CA ALA A 4 -3.80 2.06 2.91
C ALA A 4 -4.26 0.63 2.66
N GLU A 5 -5.42 0.50 2.01
CA GLU A 5 -6.00 -0.82 1.70
C GLU A 5 -5.49 -1.37 0.36
N GLU A 6 -6.28 -2.23 -0.30
CA GLU A 6 -5.91 -2.84 -1.58
C GLU A 6 -6.17 -1.86 -2.75
N GLY A 7 -5.08 -1.30 -3.28
CA GLY A 7 -5.18 -0.35 -4.38
C GLY A 7 -4.83 1.06 -3.95
N GLU A 8 -4.30 1.19 -2.73
CA GLU A 8 -3.90 2.49 -2.17
C GLU A 8 -2.38 2.57 -2.03
N SER A 9 -1.86 3.80 -2.01
CA SER A 9 -0.42 4.03 -1.87
C SER A 9 0.01 3.97 -0.40
N CYS A 10 1.03 3.17 -0.12
CA CYS A 10 1.54 3.00 1.24
C CYS A 10 2.75 3.92 1.48
N GLU A 11 2.74 5.08 0.83
CA GLU A 11 3.81 6.08 0.95
C GLU A 11 3.54 7.07 2.10
N VAL A 12 2.32 7.01 2.65
CA VAL A 12 1.91 7.87 3.75
C VAL A 12 1.42 7.02 4.94
N TYR A 13 0.70 5.94 4.62
CA TYR A 13 0.18 5.03 5.63
C TYR A 13 0.41 3.56 5.22
N PRO A 14 0.53 2.63 6.23
CA PRO A 14 0.75 1.19 5.98
C PRO A 14 -0.47 0.50 5.37
N CYS A 15 -0.43 -0.85 5.25
CA CYS A 15 -1.54 -1.61 4.70
C CYS A 15 -2.62 -1.85 5.78
N CYS A 16 -3.75 -2.46 5.39
CA CYS A 16 -4.85 -2.68 6.33
C CYS A 16 -5.10 -4.17 6.59
N ASP A 17 -5.32 -4.95 5.52
CA ASP A 17 -5.61 -6.39 5.65
C ASP A 17 -4.32 -7.23 5.70
N GLY A 18 -3.17 -6.56 5.87
CA GLY A 18 -1.88 -7.26 5.94
C GLY A 18 -1.26 -7.40 4.55
N LEU A 19 -1.43 -6.37 3.72
CA LEU A 19 -0.91 -6.34 2.35
C LEU A 19 0.59 -5.98 2.33
N ILE A 20 1.21 -6.19 1.17
CA ILE A 20 2.63 -5.89 0.98
C ILE A 20 2.80 -4.66 0.09
N CYS A 21 3.83 -3.87 0.39
CA CYS A 21 4.14 -2.66 -0.38
C CYS A 21 4.95 -3.03 -1.63
N TYR A 22 4.28 -3.00 -2.78
CA TYR A 22 4.89 -3.33 -4.05
C TYR A 22 5.68 -2.14 -4.62
N PRO A 23 6.87 -2.40 -5.23
CA PRO A 23 7.72 -1.34 -5.82
C PRO A 23 7.10 -0.75 -7.09
N THR A 24 5.94 -0.09 -6.90
CA THR A 24 5.19 0.51 -8.01
C THR A 24 5.55 2.00 -8.15
N PHE A 25 5.43 2.50 -9.38
CA PHE A 25 5.74 3.90 -9.65
C PHE A 25 4.46 4.73 -9.88
N PRO A 26 4.46 6.01 -9.42
CA PRO A 26 5.60 6.66 -8.73
C PRO A 26 5.72 6.23 -7.26
N GLU A 27 4.58 5.95 -6.62
CA GLU A 27 4.55 5.53 -5.22
C GLU A 27 4.06 4.07 -5.09
N PRO A 28 4.61 3.28 -4.11
CA PRO A 28 4.22 1.85 -3.91
C PRO A 28 2.75 1.67 -3.50
N ILE A 29 2.22 0.47 -3.75
CA ILE A 29 0.83 0.13 -3.42
C ILE A 29 0.80 -1.09 -2.50
N CYS A 30 -0.28 -1.19 -1.70
CA CYS A 30 -0.46 -2.30 -0.77
C CYS A 30 -1.21 -3.45 -1.44
N GLY A 31 -0.56 -4.62 -1.50
CA GLY A 31 -1.17 -5.79 -2.11
C GLY A 31 -0.59 -7.10 -1.60
N VAL A 32 -1.45 -8.12 -1.48
CA VAL A 32 -1.03 -9.46 -1.01
C VAL A 32 -0.60 -10.35 -2.18
N TRP A 2 -7.73 5.37 7.75
CA TRP A 2 -6.44 6.05 7.88
C TRP A 2 -5.33 5.26 7.20
N CYS A 3 -5.43 3.92 7.27
CA CYS A 3 -4.44 3.02 6.67
C CYS A 3 -4.71 2.81 5.18
N ALA A 4 -3.66 2.42 4.46
CA ALA A 4 -3.73 2.16 3.02
C ALA A 4 -4.22 0.74 2.75
N GLU A 5 -5.36 0.63 2.06
CA GLU A 5 -5.96 -0.68 1.74
C GLU A 5 -5.42 -1.24 0.41
N GLU A 6 -6.21 -2.13 -0.24
CA GLU A 6 -5.82 -2.75 -1.50
C GLU A 6 -6.11 -1.82 -2.69
N GLY A 7 -5.04 -1.36 -3.33
CA GLY A 7 -5.15 -0.47 -4.47
C GLY A 7 -4.81 0.97 -4.13
N GLU A 8 -4.32 1.19 -2.90
CA GLU A 8 -3.94 2.52 -2.43
C GLU A 8 -2.44 2.59 -2.17
N SER A 9 -1.90 3.81 -2.15
CA SER A 9 -0.47 4.03 -1.92
C SER A 9 -0.11 3.96 -0.44
N CYS A 10 0.95 3.19 -0.14
CA CYS A 10 1.42 3.02 1.23
C CYS A 10 2.65 3.91 1.51
N GLU A 11 2.69 5.06 0.83
CA GLU A 11 3.78 6.04 0.97
C GLU A 11 3.54 6.99 2.14
N VAL A 12 2.31 6.97 2.68
CA VAL A 12 1.93 7.84 3.79
C VAL A 12 1.47 6.99 4.98
N TYR A 13 0.77 5.89 4.68
CA TYR A 13 0.27 4.98 5.70
C TYR A 13 0.49 3.51 5.28
N PRO A 14 0.61 2.57 6.27
CA PRO A 14 0.83 1.14 6.00
C PRO A 14 -0.41 0.46 5.39
N CYS A 15 -0.37 -0.88 5.26
CA CYS A 15 -1.51 -1.64 4.71
C CYS A 15 -2.58 -1.87 5.80
N CYS A 16 -3.71 -2.47 5.41
CA CYS A 16 -4.81 -2.70 6.36
C CYS A 16 -5.09 -4.19 6.59
N ASP A 17 -5.35 -4.93 5.50
CA ASP A 17 -5.66 -6.37 5.57
C ASP A 17 -4.39 -7.24 5.60
N GLY A 18 -3.23 -6.61 5.82
CA GLY A 18 -1.96 -7.33 5.87
C GLY A 18 -1.32 -7.44 4.49
N LEU A 19 -1.49 -6.39 3.68
CA LEU A 19 -0.95 -6.34 2.31
C LEU A 19 0.54 -5.97 2.32
N ILE A 20 1.19 -6.16 1.16
CA ILE A 20 2.61 -5.85 1.00
C ILE A 20 2.78 -4.63 0.11
N CYS A 21 3.80 -3.82 0.42
CA CYS A 21 4.12 -2.62 -0.35
C CYS A 21 4.95 -2.99 -1.58
N TYR A 22 4.31 -2.98 -2.73
CA TYR A 22 4.94 -3.31 -4.00
C TYR A 22 5.72 -2.12 -4.57
N PRO A 23 6.92 -2.36 -5.15
CA PRO A 23 7.76 -1.30 -5.74
C PRO A 23 7.14 -0.73 -7.03
N THR A 24 5.98 -0.09 -6.87
CA THR A 24 5.24 0.50 -7.99
C THR A 24 5.56 1.97 -8.14
N PHE A 25 5.43 2.49 -9.37
CA PHE A 25 5.72 3.88 -9.65
C PHE A 25 4.44 4.67 -9.91
N PRO A 26 4.39 5.97 -9.46
CA PRO A 26 5.50 6.64 -8.75
C PRO A 26 5.62 6.21 -7.28
N GLU A 27 4.48 5.95 -6.63
CA GLU A 27 4.46 5.53 -5.24
C GLU A 27 4.00 4.06 -5.10
N PRO A 28 4.57 3.29 -4.11
CA PRO A 28 4.20 1.86 -3.90
C PRO A 28 2.73 1.67 -3.50
N ILE A 29 2.22 0.46 -3.76
CA ILE A 29 0.82 0.12 -3.45
C ILE A 29 0.79 -1.11 -2.52
N CYS A 30 -0.29 -1.21 -1.73
CA CYS A 30 -0.47 -2.32 -0.80
C CYS A 30 -1.21 -3.48 -1.46
N GLY A 31 -0.55 -4.65 -1.53
CA GLY A 31 -1.14 -5.83 -2.15
C GLY A 31 -0.57 -7.13 -1.61
N VAL A 32 -1.44 -8.14 -1.49
CA VAL A 32 -1.04 -9.47 -0.99
C VAL A 32 -0.59 -10.38 -2.14
N TRP A 2 -7.74 5.25 7.91
CA TRP A 2 -6.54 6.06 7.65
C TRP A 2 -5.42 5.24 7.00
N CYS A 3 -5.52 3.90 7.12
CA CYS A 3 -4.54 2.99 6.54
C CYS A 3 -4.79 2.74 5.05
N ALA A 4 -3.74 2.34 4.34
CA ALA A 4 -3.80 2.06 2.90
C ALA A 4 -4.26 0.62 2.65
N GLU A 5 -5.42 0.49 2.00
CA GLU A 5 -5.99 -0.83 1.70
C GLU A 5 -5.48 -1.36 0.35
N GLU A 6 -6.27 -2.24 -0.31
CA GLU A 6 -5.89 -2.83 -1.60
C GLU A 6 -6.16 -1.85 -2.76
N GLY A 7 -5.08 -1.30 -3.30
CA GLY A 7 -5.17 -0.35 -4.39
C GLY A 7 -4.83 1.07 -3.97
N GLU A 8 -4.30 1.20 -2.74
CA GLU A 8 -3.92 2.50 -2.19
C GLU A 8 -2.40 2.59 -2.05
N SER A 9 -1.88 3.83 -2.02
CA SER A 9 -0.45 4.07 -1.89
C SER A 9 -0.02 4.02 -0.41
N CYS A 10 1.05 3.28 -0.14
CA CYS A 10 1.56 3.12 1.23
C CYS A 10 2.78 4.02 1.47
N GLU A 11 2.74 5.22 0.90
CA GLU A 11 3.82 6.19 1.04
C GLU A 11 3.59 7.12 2.24
N VAL A 12 2.37 7.07 2.81
CA VAL A 12 2.00 7.88 3.95
C VAL A 12 1.50 6.98 5.10
N TYR A 13 0.73 5.94 4.74
CA TYR A 13 0.19 5.00 5.70
C TYR A 13 0.43 3.55 5.26
N PRO A 14 0.53 2.59 6.24
CA PRO A 14 0.77 1.15 5.96
C PRO A 14 -0.46 0.47 5.33
N CYS A 15 -0.44 -0.88 5.26
CA CYS A 15 -1.55 -1.64 4.70
C CYS A 15 -2.63 -1.87 5.78
N CYS A 16 -3.77 -2.48 5.38
CA CYS A 16 -4.87 -2.71 6.32
C CYS A 16 -5.13 -4.20 6.57
N ASP A 17 -5.35 -4.96 5.49
CA ASP A 17 -5.63 -6.41 5.60
C ASP A 17 -4.35 -7.26 5.64
N GLY A 18 -3.20 -6.59 5.85
CA GLY A 18 -1.92 -7.29 5.90
C GLY A 18 -1.28 -7.43 4.54
N LEU A 19 -1.45 -6.39 3.71
CA LEU A 19 -0.91 -6.36 2.34
C LEU A 19 0.57 -5.97 2.33
N ILE A 20 1.21 -6.15 1.18
CA ILE A 20 2.63 -5.84 1.00
C ILE A 20 2.79 -4.62 0.11
N CYS A 21 3.81 -3.81 0.41
CA CYS A 21 4.12 -2.61 -0.36
C CYS A 21 4.96 -2.98 -1.59
N TYR A 22 4.28 -2.98 -2.75
CA TYR A 22 4.92 -3.33 -4.02
C TYR A 22 5.70 -2.13 -4.59
N PRO A 23 6.91 -2.38 -5.19
CA PRO A 23 7.73 -1.32 -5.78
C PRO A 23 7.12 -0.75 -7.07
N THR A 24 5.96 -0.11 -6.90
CA THR A 24 5.21 0.47 -8.01
C THR A 24 5.54 1.95 -8.18
N PHE A 25 5.45 2.43 -9.41
CA PHE A 25 5.75 3.83 -9.71
C PHE A 25 4.48 4.64 -9.96
N PRO A 26 4.45 5.93 -9.52
CA PRO A 26 5.57 6.60 -8.82
C PRO A 26 5.68 6.20 -7.34
N GLU A 27 4.53 5.91 -6.73
CA GLU A 27 4.47 5.51 -5.32
C GLU A 27 4.01 4.05 -5.16
N PRO A 28 4.56 3.28 -4.16
CA PRO A 28 4.19 1.86 -3.94
C PRO A 28 2.72 1.67 -3.52
N ILE A 29 2.21 0.46 -3.76
CA ILE A 29 0.83 0.11 -3.43
C ILE A 29 0.79 -1.11 -2.51
N CYS A 30 -0.28 -1.21 -1.71
CA CYS A 30 -0.46 -2.31 -0.77
C CYS A 30 -1.21 -3.47 -1.44
N GLY A 31 -0.55 -4.63 -1.51
CA GLY A 31 -1.15 -5.82 -2.11
C GLY A 31 -0.57 -7.12 -1.58
N VAL A 32 -1.42 -8.14 -1.48
CA VAL A 32 -1.01 -9.46 -0.98
C VAL A 32 -0.57 -10.37 -2.14
N TRP A 2 -7.71 5.39 7.76
CA TRP A 2 -6.40 6.07 7.82
C TRP A 2 -5.31 5.25 7.14
N CYS A 3 -5.42 3.93 7.25
CA CYS A 3 -4.45 3.00 6.65
C CYS A 3 -4.71 2.79 5.16
N ALA A 4 -3.66 2.39 4.44
CA ALA A 4 -3.74 2.13 3.00
C ALA A 4 -4.23 0.71 2.72
N GLU A 5 -5.38 0.59 2.05
CA GLU A 5 -5.98 -0.71 1.74
C GLU A 5 -5.45 -1.27 0.40
N GLU A 6 -6.24 -2.16 -0.23
CA GLU A 6 -5.85 -2.78 -1.51
C GLU A 6 -6.14 -1.85 -2.69
N GLY A 7 -5.07 -1.38 -3.33
CA GLY A 7 -5.20 -0.48 -4.47
C GLY A 7 -4.85 0.97 -4.11
N GLU A 8 -4.34 1.17 -2.89
CA GLU A 8 -3.96 2.49 -2.41
C GLU A 8 -2.46 2.56 -2.16
N SER A 9 -1.91 3.78 -2.14
CA SER A 9 -0.48 4.01 -1.93
C SER A 9 -0.12 3.94 -0.45
N CYS A 10 0.94 3.18 -0.15
CA CYS A 10 1.42 3.01 1.22
C CYS A 10 2.64 3.91 1.48
N GLU A 11 2.67 5.06 0.80
CA GLU A 11 3.77 6.04 0.94
C GLU A 11 3.53 7.00 2.10
N VAL A 12 2.31 6.98 2.65
CA VAL A 12 1.93 7.84 3.76
C VAL A 12 1.47 6.99 4.96
N TYR A 13 0.76 5.91 4.66
CA TYR A 13 0.26 4.99 5.68
C TYR A 13 0.48 3.52 5.26
N PRO A 14 0.61 2.59 6.25
CA PRO A 14 0.82 1.15 5.99
C PRO A 14 -0.42 0.47 5.39
N CYS A 15 -0.39 -0.87 5.26
CA CYS A 15 -1.51 -1.62 4.72
C CYS A 15 -2.58 -1.86 5.80
N CYS A 16 -3.71 -2.46 5.43
CA CYS A 16 -4.81 -2.68 6.38
C CYS A 16 -5.07 -4.18 6.65
N ASP A 17 -5.33 -4.96 5.58
CA ASP A 17 -5.62 -6.39 5.72
C ASP A 17 -4.34 -7.26 5.71
N GLY A 18 -3.18 -6.61 5.87
CA GLY A 18 -1.91 -7.33 5.88
C GLY A 18 -1.29 -7.45 4.49
N LEU A 19 -1.47 -6.39 3.69
CA LEU A 19 -0.94 -6.33 2.31
C LEU A 19 0.55 -5.97 2.30
N ILE A 20 1.18 -6.16 1.15
CA ILE A 20 2.60 -5.86 0.96
C ILE A 20 2.77 -4.63 0.08
N CYS A 21 3.79 -3.82 0.39
CA CYS A 21 4.11 -2.62 -0.37
C CYS A 21 4.94 -2.98 -1.61
N TYR A 22 4.28 -2.98 -2.76
CA TYR A 22 4.91 -3.31 -4.03
C TYR A 22 5.68 -2.13 -4.59
N PRO A 23 6.89 -2.38 -5.19
CA PRO A 23 7.74 -1.31 -5.77
C PRO A 23 7.13 -0.73 -7.06
N THR A 24 5.98 -0.08 -6.88
CA THR A 24 5.23 0.52 -7.99
C THR A 24 5.57 2.00 -8.13
N PHE A 25 5.47 2.51 -9.36
CA PHE A 25 5.77 3.91 -9.64
C PHE A 25 4.50 4.72 -9.87
N PRO A 26 4.48 6.02 -9.42
CA PRO A 26 5.61 6.66 -8.71
C PRO A 26 5.73 6.23 -7.24
N GLU A 27 4.58 5.96 -6.62
CA GLU A 27 4.53 5.53 -5.22
C GLU A 27 4.04 4.08 -5.09
N PRO A 28 4.59 3.28 -4.10
CA PRO A 28 4.20 1.86 -3.90
C PRO A 28 2.73 1.68 -3.50
N ILE A 29 2.21 0.47 -3.75
CA ILE A 29 0.82 0.13 -3.45
C ILE A 29 0.79 -1.10 -2.52
N CYS A 30 -0.30 -1.20 -1.73
CA CYS A 30 -0.48 -2.31 -0.80
C CYS A 30 -1.23 -3.47 -1.47
N GLY A 31 -0.58 -4.64 -1.53
CA GLY A 31 -1.16 -5.81 -2.16
C GLY A 31 -0.59 -7.12 -1.62
N VAL A 32 -1.45 -8.13 -1.51
CA VAL A 32 -1.05 -9.46 -1.01
C VAL A 32 -0.62 -10.37 -2.18
N TRP A 2 -7.63 5.27 8.11
CA TRP A 2 -6.42 6.09 7.87
C TRP A 2 -5.32 5.27 7.19
N CYS A 3 -5.41 3.93 7.28
CA CYS A 3 -4.42 3.03 6.69
C CYS A 3 -4.70 2.81 5.20
N ALA A 4 -3.66 2.41 4.47
CA ALA A 4 -3.75 2.15 3.04
C ALA A 4 -4.23 0.73 2.77
N GLU A 5 -5.37 0.61 2.08
CA GLU A 5 -5.98 -0.70 1.76
C GLU A 5 -5.45 -1.26 0.42
N GLU A 6 -6.23 -2.16 -0.20
CA GLU A 6 -5.86 -2.78 -1.48
C GLU A 6 -6.16 -1.85 -2.66
N GLY A 7 -5.09 -1.39 -3.31
CA GLY A 7 -5.22 -0.49 -4.45
C GLY A 7 -4.88 0.95 -4.10
N GLU A 8 -4.35 1.16 -2.89
CA GLU A 8 -3.97 2.49 -2.41
C GLU A 8 -2.47 2.55 -2.16
N SER A 9 -1.93 3.78 -2.14
CA SER A 9 -0.50 4.00 -1.93
C SER A 9 -0.13 3.93 -0.45
N CYS A 10 0.94 3.18 -0.16
CA CYS A 10 1.42 3.01 1.21
C CYS A 10 2.64 3.91 1.48
N GLU A 11 2.67 5.07 0.80
CA GLU A 11 3.76 6.04 0.93
C GLU A 11 3.52 7.01 2.10
N VAL A 12 2.30 6.99 2.65
CA VAL A 12 1.92 7.85 3.76
C VAL A 12 1.47 6.99 4.95
N TYR A 13 0.76 5.89 4.66
CA TYR A 13 0.27 4.98 5.68
C TYR A 13 0.49 3.52 5.26
N PRO A 14 0.63 2.58 6.25
CA PRO A 14 0.84 1.14 5.99
C PRO A 14 -0.40 0.46 5.38
N CYS A 15 -0.37 -0.87 5.25
CA CYS A 15 -1.50 -1.63 4.72
C CYS A 15 -2.56 -1.87 5.81
N CYS A 16 -3.70 -2.46 5.43
CA CYS A 16 -4.79 -2.70 6.37
C CYS A 16 -5.08 -4.19 6.60
N ASP A 17 -5.34 -4.92 5.51
CA ASP A 17 -5.65 -6.36 5.59
C ASP A 17 -4.38 -7.23 5.61
N GLY A 18 -3.22 -6.59 5.83
CA GLY A 18 -1.95 -7.31 5.88
C GLY A 18 -1.31 -7.44 4.50
N LEU A 19 -1.48 -6.39 3.69
CA LEU A 19 -0.94 -6.34 2.32
C LEU A 19 0.54 -5.96 2.31
N ILE A 20 1.18 -6.16 1.15
CA ILE A 20 2.60 -5.85 0.98
C ILE A 20 2.78 -4.62 0.10
N CYS A 21 3.80 -3.82 0.41
CA CYS A 21 4.11 -2.62 -0.37
C CYS A 21 4.94 -2.98 -1.59
N TYR A 22 4.28 -2.98 -2.75
CA TYR A 22 4.92 -3.31 -4.02
C TYR A 22 5.70 -2.12 -4.58
N PRO A 23 6.91 -2.38 -5.18
CA PRO A 23 7.75 -1.30 -5.76
C PRO A 23 7.13 -0.73 -7.05
N THR A 24 5.98 -0.08 -6.88
CA THR A 24 5.24 0.52 -7.99
C THR A 24 5.57 2.00 -8.13
N PHE A 25 5.47 2.50 -9.35
CA PHE A 25 5.77 3.90 -9.63
C PHE A 25 4.51 4.72 -9.88
N PRO A 26 4.48 6.00 -9.42
CA PRO A 26 5.61 6.66 -8.72
C PRO A 26 5.72 6.23 -7.25
N GLU A 27 4.57 5.95 -6.63
CA GLU A 27 4.52 5.53 -5.22
C GLU A 27 4.04 4.08 -5.09
N PRO A 28 4.59 3.28 -4.11
CA PRO A 28 4.21 1.87 -3.90
C PRO A 28 2.73 1.68 -3.50
N ILE A 29 2.22 0.47 -3.76
CA ILE A 29 0.82 0.13 -3.45
C ILE A 29 0.79 -1.10 -2.52
N CYS A 30 -0.29 -1.21 -1.74
CA CYS A 30 -0.48 -2.32 -0.80
C CYS A 30 -1.22 -3.48 -1.48
N GLY A 31 -0.56 -4.64 -1.53
CA GLY A 31 -1.15 -5.82 -2.15
C GLY A 31 -0.58 -7.12 -1.62
N VAL A 32 -1.45 -8.14 -1.50
CA VAL A 32 -1.04 -9.47 -1.01
C VAL A 32 -0.60 -10.38 -2.15
N TRP A 2 -7.58 5.23 8.14
CA TRP A 2 -6.39 6.04 7.91
C TRP A 2 -5.28 5.23 7.22
N CYS A 3 -5.39 3.89 7.29
CA CYS A 3 -4.41 2.99 6.68
C CYS A 3 -4.69 2.78 5.19
N ALA A 4 -3.64 2.40 4.45
CA ALA A 4 -3.73 2.16 3.02
C ALA A 4 -4.21 0.72 2.74
N GLU A 5 -5.35 0.61 2.05
CA GLU A 5 -5.95 -0.69 1.74
C GLU A 5 -5.42 -1.26 0.41
N GLU A 6 -6.20 -2.15 -0.22
CA GLU A 6 -5.82 -2.77 -1.50
C GLU A 6 -6.13 -1.84 -2.68
N GLY A 7 -5.06 -1.38 -3.35
CA GLY A 7 -5.20 -0.48 -4.48
C GLY A 7 -4.87 0.96 -4.13
N GLU A 8 -4.35 1.17 -2.92
CA GLU A 8 -3.98 2.50 -2.44
C GLU A 8 -2.48 2.58 -2.19
N SER A 9 -1.95 3.81 -2.16
CA SER A 9 -0.52 4.04 -1.96
C SER A 9 -0.16 3.99 -0.47
N CYS A 10 0.95 3.28 -0.18
CA CYS A 10 1.42 3.12 1.20
C CYS A 10 2.66 4.00 1.44
N GLU A 11 2.65 5.21 0.84
CA GLU A 11 3.75 6.16 0.97
C GLU A 11 3.59 7.06 2.21
N VAL A 12 2.38 7.04 2.80
CA VAL A 12 2.07 7.85 3.99
C VAL A 12 1.60 6.94 5.13
N TYR A 13 0.82 5.91 4.78
CA TYR A 13 0.31 4.95 5.76
C TYR A 13 0.52 3.50 5.29
N PRO A 14 0.64 2.54 6.25
CA PRO A 14 0.85 1.10 5.95
C PRO A 14 -0.40 0.44 5.33
N CYS A 15 -0.39 -0.90 5.25
CA CYS A 15 -1.52 -1.65 4.70
C CYS A 15 -2.58 -1.89 5.79
N CYS A 16 -3.73 -2.49 5.41
CA CYS A 16 -4.82 -2.72 6.36
C CYS A 16 -5.10 -4.21 6.57
N ASP A 17 -5.36 -4.94 5.48
CA ASP A 17 -5.68 -6.38 5.55
C ASP A 17 -4.42 -7.26 5.57
N GLY A 18 -3.26 -6.63 5.80
CA GLY A 18 -1.99 -7.36 5.84
C GLY A 18 -1.34 -7.46 4.47
N LEU A 19 -1.51 -6.42 3.66
CA LEU A 19 -0.96 -6.35 2.31
C LEU A 19 0.53 -5.97 2.32
N ILE A 20 1.18 -6.13 1.17
CA ILE A 20 2.60 -5.82 1.01
C ILE A 20 2.77 -4.59 0.12
N CYS A 21 3.78 -3.77 0.44
CA CYS A 21 4.09 -2.58 -0.34
C CYS A 21 4.95 -2.94 -1.55
N TYR A 22 4.30 -2.96 -2.72
CA TYR A 22 4.96 -3.30 -3.96
C TYR A 22 5.73 -2.11 -4.54
N PRO A 23 6.95 -2.35 -5.12
CA PRO A 23 7.78 -1.28 -5.70
C PRO A 23 7.17 -0.72 -7.00
N THR A 24 5.99 -0.10 -6.85
CA THR A 24 5.26 0.48 -7.97
C THR A 24 5.57 1.95 -8.14
N PHE A 25 5.47 2.44 -9.38
CA PHE A 25 5.75 3.84 -9.66
C PHE A 25 4.46 4.63 -9.95
N PRO A 26 4.41 5.92 -9.51
CA PRO A 26 5.50 6.60 -8.79
C PRO A 26 5.62 6.18 -7.32
N GLU A 27 4.46 5.94 -6.67
CA GLU A 27 4.43 5.53 -5.28
C GLU A 27 3.99 4.06 -5.14
N PRO A 28 4.54 3.30 -4.13
CA PRO A 28 4.18 1.87 -3.91
C PRO A 28 2.70 1.66 -3.53
N ILE A 29 2.21 0.45 -3.77
CA ILE A 29 0.82 0.09 -3.46
C ILE A 29 0.78 -1.13 -2.54
N CYS A 30 -0.29 -1.23 -1.74
CA CYS A 30 -0.48 -2.33 -0.81
C CYS A 30 -1.21 -3.51 -1.48
N GLY A 31 -0.55 -4.66 -1.53
CA GLY A 31 -1.12 -5.85 -2.15
C GLY A 31 -0.56 -7.15 -1.60
N VAL A 32 -1.42 -8.17 -1.49
CA VAL A 32 -1.02 -9.48 -0.98
C VAL A 32 -0.56 -10.40 -2.12
N TRP A 2 -7.32 4.68 9.89
CA TRP A 2 -6.56 5.42 8.88
C TRP A 2 -5.37 4.58 8.42
N CYS A 3 -5.57 3.89 7.29
CA CYS A 3 -4.54 3.03 6.70
C CYS A 3 -4.78 2.84 5.20
N ALA A 4 -3.73 2.43 4.48
CA ALA A 4 -3.82 2.19 3.03
C ALA A 4 -4.27 0.74 2.76
N GLU A 5 -5.41 0.62 2.07
CA GLU A 5 -5.98 -0.70 1.74
C GLU A 5 -5.44 -1.25 0.41
N GLU A 6 -6.20 -2.15 -0.22
CA GLU A 6 -5.81 -2.77 -1.51
C GLU A 6 -6.10 -1.84 -2.69
N GLY A 7 -5.03 -1.38 -3.34
CA GLY A 7 -5.16 -0.48 -4.48
C GLY A 7 -4.82 0.96 -4.13
N GLU A 8 -4.33 1.17 -2.90
CA GLU A 8 -3.97 2.50 -2.41
C GLU A 8 -2.46 2.58 -2.16
N SER A 9 -1.94 3.80 -2.13
CA SER A 9 -0.50 4.04 -1.92
C SER A 9 -0.13 3.95 -0.44
N CYS A 10 0.93 3.19 -0.15
CA CYS A 10 1.42 3.01 1.21
C CYS A 10 2.65 3.89 1.48
N GLU A 11 2.72 5.02 0.77
CA GLU A 11 3.82 5.99 0.91
C GLU A 11 3.61 6.93 2.10
N VAL A 12 2.38 6.93 2.64
CA VAL A 12 2.02 7.78 3.76
C VAL A 12 1.54 6.92 4.96
N TYR A 13 0.75 5.89 4.65
CA TYR A 13 0.23 4.98 5.65
C TYR A 13 0.48 3.52 5.28
N PRO A 14 0.57 2.60 6.28
CA PRO A 14 0.78 1.15 6.05
C PRO A 14 -0.45 0.47 5.43
N CYS A 15 -0.39 -0.87 5.28
CA CYS A 15 -1.52 -1.62 4.72
C CYS A 15 -2.59 -1.87 5.80
N CYS A 16 -3.74 -2.46 5.41
CA CYS A 16 -4.83 -2.69 6.34
C CYS A 16 -5.11 -4.18 6.58
N ASP A 17 -5.33 -4.94 5.49
CA ASP A 17 -5.63 -6.39 5.58
C ASP A 17 -4.35 -7.24 5.63
N GLY A 18 -3.20 -6.59 5.85
CA GLY A 18 -1.92 -7.29 5.89
C GLY A 18 -1.28 -7.43 4.52
N LEU A 19 -1.45 -6.38 3.70
CA LEU A 19 -0.92 -6.33 2.34
C LEU A 19 0.57 -5.96 2.34
N ILE A 20 1.21 -6.16 1.18
CA ILE A 20 2.63 -5.85 1.00
C ILE A 20 2.80 -4.62 0.10
N CYS A 21 3.82 -3.82 0.42
CA CYS A 21 4.12 -2.61 -0.35
C CYS A 21 4.95 -2.98 -1.59
N TYR A 22 4.28 -2.97 -2.74
CA TYR A 22 4.92 -3.31 -4.01
C TYR A 22 5.69 -2.12 -4.57
N PRO A 23 6.90 -2.36 -5.17
CA PRO A 23 7.74 -1.30 -5.76
C PRO A 23 7.12 -0.72 -7.05
N THR A 24 5.97 -0.08 -6.87
CA THR A 24 5.22 0.51 -7.98
C THR A 24 5.55 2.00 -8.14
N PHE A 25 5.43 2.50 -9.37
CA PHE A 25 5.72 3.90 -9.65
C PHE A 25 4.45 4.71 -9.89
N PRO A 26 4.42 6.00 -9.44
CA PRO A 26 5.55 6.66 -8.75
C PRO A 26 5.68 6.24 -7.28
N GLU A 27 4.54 5.94 -6.64
CA GLU A 27 4.51 5.53 -5.24
C GLU A 27 4.02 4.08 -5.09
N PRO A 28 4.57 3.30 -4.11
CA PRO A 28 4.19 1.87 -3.90
C PRO A 28 2.72 1.68 -3.50
N ILE A 29 2.21 0.47 -3.75
CA ILE A 29 0.82 0.12 -3.43
C ILE A 29 0.79 -1.10 -2.50
N CYS A 30 -0.29 -1.21 -1.72
CA CYS A 30 -0.48 -2.31 -0.79
C CYS A 30 -1.22 -3.48 -1.46
N GLY A 31 -0.55 -4.63 -1.51
CA GLY A 31 -1.13 -5.83 -2.13
C GLY A 31 -0.55 -7.12 -1.60
N VAL A 32 -1.40 -8.15 -1.48
CA VAL A 32 -0.99 -9.48 -1.00
C VAL A 32 -0.54 -10.38 -2.16
N TRP A 2 -7.33 4.67 9.89
CA TRP A 2 -6.57 5.41 8.88
C TRP A 2 -5.39 4.58 8.42
N CYS A 3 -5.58 3.88 7.30
CA CYS A 3 -4.54 3.03 6.69
C CYS A 3 -4.80 2.84 5.20
N ALA A 4 -3.75 2.43 4.48
CA ALA A 4 -3.82 2.19 3.03
C ALA A 4 -4.28 0.74 2.76
N GLU A 5 -5.42 0.62 2.06
CA GLU A 5 -5.98 -0.70 1.74
C GLU A 5 -5.44 -1.25 0.41
N GLU A 6 -6.20 -2.15 -0.24
CA GLU A 6 -5.81 -2.77 -1.51
C GLU A 6 -6.10 -1.83 -2.69
N GLY A 7 -5.03 -1.38 -3.33
CA GLY A 7 -5.15 -0.48 -4.48
C GLY A 7 -4.81 0.97 -4.12
N GLU A 8 -4.33 1.17 -2.90
CA GLU A 8 -3.96 2.50 -2.40
C GLU A 8 -2.45 2.57 -2.15
N SER A 9 -1.93 3.81 -2.13
CA SER A 9 -0.49 4.04 -1.91
C SER A 9 -0.12 3.95 -0.43
N CYS A 10 0.94 3.19 -0.15
CA CYS A 10 1.42 3.00 1.22
C CYS A 10 2.65 3.89 1.49
N GLU A 11 2.72 5.03 0.78
CA GLU A 11 3.83 5.99 0.92
C GLU A 11 3.60 6.94 2.10
N VAL A 12 2.37 6.93 2.64
CA VAL A 12 2.00 7.79 3.77
C VAL A 12 1.53 6.94 4.95
N TYR A 13 0.74 5.90 4.65
CA TYR A 13 0.21 4.98 5.65
C TYR A 13 0.46 3.52 5.28
N PRO A 14 0.55 2.60 6.28
CA PRO A 14 0.77 1.16 6.05
C PRO A 14 -0.46 0.47 5.44
N CYS A 15 -0.39 -0.87 5.28
CA CYS A 15 -1.53 -1.62 4.73
C CYS A 15 -2.59 -1.86 5.80
N CYS A 16 -3.73 -2.46 5.41
CA CYS A 16 -4.83 -2.70 6.35
C CYS A 16 -5.10 -4.18 6.58
N ASP A 17 -5.32 -4.95 5.49
CA ASP A 17 -5.62 -6.38 5.59
C ASP A 17 -4.34 -7.25 5.63
N GLY A 18 -3.19 -6.59 5.85
CA GLY A 18 -1.91 -7.29 5.90
C GLY A 18 -1.27 -7.43 4.53
N LEU A 19 -1.44 -6.38 3.70
CA LEU A 19 -0.91 -6.33 2.34
C LEU A 19 0.58 -5.96 2.33
N ILE A 20 1.21 -6.16 1.18
CA ILE A 20 2.64 -5.86 1.00
C ILE A 20 2.80 -4.62 0.10
N CYS A 21 3.81 -3.82 0.41
CA CYS A 21 4.13 -2.61 -0.36
C CYS A 21 4.95 -2.98 -1.60
N TYR A 22 4.28 -2.98 -2.75
CA TYR A 22 4.92 -3.31 -4.02
C TYR A 22 5.69 -2.12 -4.59
N PRO A 23 6.90 -2.37 -5.19
CA PRO A 23 7.74 -1.31 -5.77
C PRO A 23 7.11 -0.73 -7.06
N THR A 24 5.96 -0.08 -6.88
CA THR A 24 5.22 0.52 -7.99
C THR A 24 5.55 2.00 -8.14
N PHE A 25 5.42 2.51 -9.38
CA PHE A 25 5.72 3.90 -9.65
C PHE A 25 4.45 4.72 -9.88
N PRO A 26 4.43 6.01 -9.44
CA PRO A 26 5.57 6.66 -8.74
C PRO A 26 5.69 6.24 -7.27
N GLU A 27 4.55 5.94 -6.63
CA GLU A 27 4.51 5.53 -5.23
C GLU A 27 4.04 4.08 -5.09
N PRO A 28 4.58 3.28 -4.11
CA PRO A 28 4.20 1.87 -3.91
C PRO A 28 2.73 1.68 -3.50
N ILE A 29 2.21 0.47 -3.75
CA ILE A 29 0.82 0.12 -3.43
C ILE A 29 0.79 -1.10 -2.50
N CYS A 30 -0.29 -1.21 -1.72
CA CYS A 30 -0.48 -2.31 -0.79
C CYS A 30 -1.22 -3.48 -1.46
N GLY A 31 -0.55 -4.63 -1.51
CA GLY A 31 -1.14 -5.83 -2.12
C GLY A 31 -0.55 -7.12 -1.60
N VAL A 32 -1.40 -8.15 -1.48
CA VAL A 32 -0.98 -9.47 -1.00
C VAL A 32 -0.54 -10.37 -2.16
N TRP A 2 -7.30 4.68 9.91
CA TRP A 2 -6.54 5.42 8.89
C TRP A 2 -5.36 4.58 8.43
N CYS A 3 -5.56 3.89 7.30
CA CYS A 3 -4.53 3.03 6.70
C CYS A 3 -4.79 2.84 5.21
N ALA A 4 -3.73 2.43 4.48
CA ALA A 4 -3.81 2.19 3.04
C ALA A 4 -4.28 0.75 2.77
N GLU A 5 -5.41 0.62 2.07
CA GLU A 5 -5.99 -0.69 1.75
C GLU A 5 -5.44 -1.25 0.41
N GLU A 6 -6.21 -2.15 -0.23
CA GLU A 6 -5.81 -2.76 -1.50
C GLU A 6 -6.10 -1.84 -2.69
N GLY A 7 -5.03 -1.38 -3.34
CA GLY A 7 -5.16 -0.49 -4.48
C GLY A 7 -4.83 0.96 -4.12
N GLU A 8 -4.34 1.16 -2.90
CA GLU A 8 -3.97 2.50 -2.41
C GLU A 8 -2.47 2.57 -2.16
N SER A 9 -1.94 3.80 -2.13
CA SER A 9 -0.50 4.04 -1.92
C SER A 9 -0.13 3.95 -0.44
N CYS A 10 0.93 3.19 -0.15
CA CYS A 10 1.42 3.01 1.21
C CYS A 10 2.65 3.89 1.48
N GLU A 11 2.72 5.02 0.77
CA GLU A 11 3.83 5.98 0.91
C GLU A 11 3.61 6.93 2.10
N VAL A 12 2.39 6.93 2.64
CA VAL A 12 2.02 7.78 3.76
C VAL A 12 1.55 6.93 4.95
N TYR A 13 0.76 5.88 4.65
CA TYR A 13 0.24 4.98 5.66
C TYR A 13 0.48 3.52 5.27
N PRO A 14 0.57 2.60 6.28
CA PRO A 14 0.79 1.15 6.04
C PRO A 14 -0.45 0.47 5.43
N CYS A 15 -0.39 -0.87 5.28
CA CYS A 15 -1.52 -1.63 4.73
C CYS A 15 -2.59 -1.87 5.80
N CYS A 16 -3.73 -2.46 5.41
CA CYS A 16 -4.83 -2.70 6.35
C CYS A 16 -5.11 -4.18 6.58
N ASP A 17 -5.33 -4.94 5.49
CA ASP A 17 -5.63 -6.39 5.58
C ASP A 17 -4.36 -7.24 5.62
N GLY A 18 -3.21 -6.59 5.84
CA GLY A 18 -1.92 -7.30 5.89
C GLY A 18 -1.28 -7.43 4.52
N LEU A 19 -1.46 -6.39 3.71
CA LEU A 19 -0.92 -6.33 2.34
C LEU A 19 0.57 -5.96 2.34
N ILE A 20 1.21 -6.16 1.18
CA ILE A 20 2.63 -5.85 1.00
C ILE A 20 2.79 -4.62 0.11
N CYS A 21 3.82 -3.82 0.42
CA CYS A 21 4.12 -2.61 -0.35
C CYS A 21 4.96 -2.98 -1.58
N TYR A 22 4.28 -2.97 -2.74
CA TYR A 22 4.93 -3.30 -4.02
C TYR A 22 5.69 -2.12 -4.57
N PRO A 23 6.91 -2.35 -5.17
CA PRO A 23 7.75 -1.29 -5.76
C PRO A 23 7.12 -0.71 -7.04
N THR A 24 5.97 -0.08 -6.87
CA THR A 24 5.23 0.52 -7.99
C THR A 24 5.56 2.00 -8.14
N PHE A 25 5.43 2.51 -9.37
CA PHE A 25 5.73 3.90 -9.65
C PHE A 25 4.45 4.71 -9.88
N PRO A 26 4.43 6.00 -9.44
CA PRO A 26 5.56 6.66 -8.75
C PRO A 26 5.68 6.24 -7.28
N GLU A 27 4.54 5.94 -6.64
CA GLU A 27 4.51 5.53 -5.24
C GLU A 27 4.03 4.08 -5.10
N PRO A 28 4.57 3.30 -4.11
CA PRO A 28 4.19 1.87 -3.90
C PRO A 28 2.72 1.68 -3.50
N ILE A 29 2.21 0.47 -3.75
CA ILE A 29 0.81 0.12 -3.44
C ILE A 29 0.79 -1.10 -2.50
N CYS A 30 -0.29 -1.21 -1.72
CA CYS A 30 -0.48 -2.31 -0.79
C CYS A 30 -1.21 -3.48 -1.46
N GLY A 31 -0.55 -4.64 -1.52
CA GLY A 31 -1.13 -5.83 -2.13
C GLY A 31 -0.55 -7.12 -1.60
N VAL A 32 -1.40 -8.15 -1.48
CA VAL A 32 -0.99 -9.48 -1.00
C VAL A 32 -0.53 -10.38 -2.15
N TRP A 2 -7.33 4.65 9.90
CA TRP A 2 -6.58 5.39 8.89
C TRP A 2 -5.38 4.56 8.42
N CYS A 3 -5.58 3.87 7.29
CA CYS A 3 -4.55 3.02 6.69
C CYS A 3 -4.79 2.84 5.19
N ALA A 4 -3.74 2.44 4.47
CA ALA A 4 -3.81 2.21 3.03
C ALA A 4 -4.27 0.77 2.74
N GLU A 5 -5.41 0.64 2.05
CA GLU A 5 -5.99 -0.67 1.72
C GLU A 5 -5.43 -1.22 0.40
N GLU A 6 -6.18 -2.12 -0.25
CA GLU A 6 -5.78 -2.73 -1.52
C GLU A 6 -6.07 -1.82 -2.71
N GLY A 7 -4.99 -1.35 -3.36
CA GLY A 7 -5.11 -0.45 -4.49
C GLY A 7 -4.76 0.99 -4.15
N GLU A 8 -4.31 1.20 -2.91
CA GLU A 8 -3.93 2.53 -2.42
C GLU A 8 -2.43 2.60 -2.16
N SER A 9 -1.89 3.83 -2.14
CA SER A 9 -0.47 4.05 -1.91
C SER A 9 -0.10 3.96 -0.43
N CYS A 10 0.96 3.19 -0.14
CA CYS A 10 1.43 3.00 1.23
C CYS A 10 2.66 3.89 1.51
N GLU A 11 2.73 5.02 0.81
CA GLU A 11 3.84 5.99 0.96
C GLU A 11 3.61 6.93 2.14
N VAL A 12 2.37 6.93 2.67
CA VAL A 12 2.00 7.79 3.80
C VAL A 12 1.52 6.93 4.99
N TYR A 13 0.74 5.89 4.67
CA TYR A 13 0.21 4.98 5.67
C TYR A 13 0.47 3.51 5.29
N PRO A 14 0.55 2.60 6.29
CA PRO A 14 0.77 1.15 6.06
C PRO A 14 -0.46 0.46 5.43
N CYS A 15 -0.40 -0.88 5.28
CA CYS A 15 -1.53 -1.63 4.72
C CYS A 15 -2.61 -1.87 5.79
N CYS A 16 -3.74 -2.46 5.40
CA CYS A 16 -4.85 -2.70 6.32
C CYS A 16 -5.12 -4.18 6.56
N ASP A 17 -5.33 -4.95 5.48
CA ASP A 17 -5.63 -6.39 5.58
C ASP A 17 -4.35 -7.25 5.62
N GLY A 18 -3.20 -6.58 5.84
CA GLY A 18 -1.93 -7.29 5.90
C GLY A 18 -1.27 -7.43 4.53
N LEU A 19 -1.45 -6.39 3.70
CA LEU A 19 -0.91 -6.35 2.34
C LEU A 19 0.57 -5.97 2.33
N ILE A 20 1.22 -6.17 1.19
CA ILE A 20 2.63 -5.86 1.01
C ILE A 20 2.81 -4.63 0.11
N CYS A 21 3.82 -3.82 0.43
CA CYS A 21 4.13 -2.62 -0.35
C CYS A 21 4.96 -2.98 -1.57
N TYR A 22 4.31 -2.98 -2.73
CA TYR A 22 4.94 -3.31 -4.00
C TYR A 22 5.71 -2.12 -4.57
N PRO A 23 6.91 -2.36 -5.16
CA PRO A 23 7.75 -1.29 -5.76
C PRO A 23 7.13 -0.72 -7.05
N THR A 24 5.97 -0.09 -6.87
CA THR A 24 5.22 0.50 -7.99
C THR A 24 5.54 1.98 -8.14
N PHE A 25 5.41 2.48 -9.37
CA PHE A 25 5.69 3.89 -9.66
C PHE A 25 4.41 4.67 -9.92
N PRO A 26 4.36 5.97 -9.48
CA PRO A 26 5.47 6.64 -8.76
C PRO A 26 5.61 6.21 -7.30
N GLU A 27 4.46 5.95 -6.64
CA GLU A 27 4.46 5.53 -5.24
C GLU A 27 4.00 4.07 -5.11
N PRO A 28 4.55 3.29 -4.11
CA PRO A 28 4.19 1.87 -3.90
C PRO A 28 2.72 1.67 -3.51
N ILE A 29 2.21 0.46 -3.76
CA ILE A 29 0.82 0.11 -3.43
C ILE A 29 0.79 -1.11 -2.51
N CYS A 30 -0.28 -1.21 -1.72
CA CYS A 30 -0.46 -2.32 -0.79
C CYS A 30 -1.20 -3.48 -1.46
N GLY A 31 -0.54 -4.65 -1.51
CA GLY A 31 -1.13 -5.83 -2.12
C GLY A 31 -0.55 -7.13 -1.59
N VAL A 32 -1.41 -8.16 -1.48
CA VAL A 32 -0.98 -9.48 -0.99
C VAL A 32 -0.54 -10.38 -2.14
N TRP A 2 -7.32 4.55 9.95
CA TRP A 2 -6.57 5.32 8.96
C TRP A 2 -5.37 4.51 8.48
N CYS A 3 -5.56 3.83 7.35
CA CYS A 3 -4.52 3.00 6.73
C CYS A 3 -4.77 2.82 5.24
N ALA A 4 -3.73 2.42 4.50
CA ALA A 4 -3.81 2.18 3.06
C ALA A 4 -4.29 0.75 2.78
N GLU A 5 -5.41 0.64 2.06
CA GLU A 5 -5.99 -0.68 1.73
C GLU A 5 -5.44 -1.24 0.41
N GLU A 6 -6.20 -2.13 -0.23
CA GLU A 6 -5.80 -2.76 -1.50
C GLU A 6 -6.10 -1.85 -2.69
N GLY A 7 -5.03 -1.38 -3.34
CA GLY A 7 -5.16 -0.49 -4.49
C GLY A 7 -4.84 0.95 -4.15
N GLU A 8 -4.35 1.17 -2.92
CA GLU A 8 -3.98 2.50 -2.44
C GLU A 8 -2.49 2.59 -2.19
N SER A 9 -1.96 3.83 -2.15
CA SER A 9 -0.54 4.07 -1.93
C SER A 9 -0.18 3.96 -0.45
N CYS A 10 0.94 3.27 -0.17
CA CYS A 10 1.40 3.08 1.21
C CYS A 10 2.65 3.93 1.48
N GLU A 11 2.71 5.12 0.87
CA GLU A 11 3.83 6.05 1.04
C GLU A 11 3.66 6.95 2.28
N VAL A 12 2.43 6.99 2.80
CA VAL A 12 2.10 7.79 3.98
C VAL A 12 1.62 6.90 5.12
N TYR A 13 0.79 5.90 4.78
CA TYR A 13 0.25 4.96 5.75
C TYR A 13 0.50 3.51 5.32
N PRO A 14 0.57 2.56 6.30
CA PRO A 14 0.79 1.12 6.02
C PRO A 14 -0.43 0.45 5.39
N CYS A 15 -0.41 -0.89 5.27
CA CYS A 15 -1.54 -1.64 4.72
C CYS A 15 -2.62 -1.88 5.78
N CYS A 16 -3.75 -2.48 5.39
CA CYS A 16 -4.85 -2.72 6.31
C CYS A 16 -5.13 -4.21 6.54
N ASP A 17 -5.36 -4.95 5.45
CA ASP A 17 -5.66 -6.40 5.52
C ASP A 17 -4.38 -7.26 5.57
N GLY A 18 -3.23 -6.61 5.80
CA GLY A 18 -1.96 -7.33 5.87
C GLY A 18 -1.30 -7.44 4.50
N LEU A 19 -1.48 -6.40 3.68
CA LEU A 19 -0.92 -6.34 2.32
C LEU A 19 0.55 -5.96 2.34
N ILE A 20 1.21 -6.14 1.19
CA ILE A 20 2.63 -5.81 1.02
C ILE A 20 2.79 -4.58 0.12
N CYS A 21 3.81 -3.77 0.44
CA CYS A 21 4.12 -2.57 -0.33
C CYS A 21 4.97 -2.94 -1.55
N TYR A 22 4.31 -2.95 -2.71
CA TYR A 22 4.96 -3.29 -3.97
C TYR A 22 5.74 -2.10 -4.55
N PRO A 23 6.94 -2.34 -5.13
CA PRO A 23 7.77 -1.26 -5.72
C PRO A 23 7.15 -0.72 -7.03
N THR A 24 5.98 -0.09 -6.87
CA THR A 24 5.24 0.47 -7.99
C THR A 24 5.55 1.96 -8.17
N PHE A 25 5.45 2.43 -9.41
CA PHE A 25 5.73 3.83 -9.71
C PHE A 25 4.45 4.62 -9.97
N PRO A 26 4.41 5.92 -9.55
CA PRO A 26 5.51 6.60 -8.85
C PRO A 26 5.63 6.21 -7.37
N GLU A 27 4.49 5.90 -6.77
CA GLU A 27 4.44 5.52 -5.34
C GLU A 27 3.98 4.06 -5.18
N PRO A 28 4.53 3.31 -4.17
CA PRO A 28 4.17 1.89 -3.94
C PRO A 28 2.71 1.68 -3.54
N ILE A 29 2.21 0.46 -3.76
CA ILE A 29 0.82 0.11 -3.45
C ILE A 29 0.79 -1.10 -2.52
N CYS A 30 -0.29 -1.21 -1.73
CA CYS A 30 -0.46 -2.32 -0.79
C CYS A 30 -1.19 -3.49 -1.46
N GLY A 31 -0.53 -4.64 -1.51
CA GLY A 31 -1.10 -5.83 -2.13
C GLY A 31 -0.53 -7.12 -1.58
N VAL A 32 -1.38 -8.15 -1.48
CA VAL A 32 -0.96 -9.47 -0.98
C VAL A 32 -0.50 -10.38 -2.13
N TRP A 2 -7.31 4.63 9.94
CA TRP A 2 -6.57 5.38 8.93
C TRP A 2 -5.38 4.56 8.45
N CYS A 3 -5.57 3.86 7.33
CA CYS A 3 -4.53 3.02 6.73
C CYS A 3 -4.79 2.83 5.23
N ALA A 4 -3.73 2.45 4.50
CA ALA A 4 -3.82 2.21 3.06
C ALA A 4 -4.27 0.77 2.78
N GLU A 5 -5.40 0.64 2.08
CA GLU A 5 -5.99 -0.67 1.75
C GLU A 5 -5.43 -1.23 0.43
N GLU A 6 -6.20 -2.12 -0.22
CA GLU A 6 -5.79 -2.74 -1.49
C GLU A 6 -6.08 -1.82 -2.68
N GLY A 7 -5.00 -1.37 -3.33
CA GLY A 7 -5.12 -0.48 -4.48
C GLY A 7 -4.80 0.97 -4.13
N GLU A 8 -4.32 1.19 -2.90
CA GLU A 8 -3.95 2.52 -2.42
C GLU A 8 -2.45 2.60 -2.16
N SER A 9 -1.93 3.84 -2.13
CA SER A 9 -0.49 4.08 -1.90
C SER A 9 -0.14 3.98 -0.42
N CYS A 10 0.92 3.22 -0.13
CA CYS A 10 1.41 3.03 1.24
C CYS A 10 2.62 3.91 1.52
N GLU A 11 2.71 5.04 0.80
CA GLU A 11 3.83 6.00 0.95
C GLU A 11 3.60 6.94 2.13
N VAL A 12 2.38 6.93 2.67
CA VAL A 12 2.01 7.78 3.79
C VAL A 12 1.53 6.92 4.98
N TYR A 13 0.75 5.88 4.67
CA TYR A 13 0.22 4.97 5.67
C TYR A 13 0.47 3.51 5.30
N PRO A 14 0.56 2.59 6.30
CA PRO A 14 0.78 1.14 6.06
C PRO A 14 -0.45 0.45 5.44
N CYS A 15 -0.40 -0.88 5.29
CA CYS A 15 -1.52 -1.64 4.72
C CYS A 15 -2.58 -1.89 5.81
N CYS A 16 -3.72 -2.49 5.42
CA CYS A 16 -4.82 -2.73 6.35
C CYS A 16 -5.11 -4.23 6.57
N ASP A 17 -5.36 -4.96 5.48
CA ASP A 17 -5.68 -6.39 5.55
C ASP A 17 -4.42 -7.29 5.56
N GLY A 18 -3.25 -6.66 5.79
CA GLY A 18 -1.99 -7.39 5.82
C GLY A 18 -1.36 -7.49 4.44
N LEU A 19 -1.49 -6.42 3.66
CA LEU A 19 -0.95 -6.33 2.31
C LEU A 19 0.54 -5.96 2.32
N ILE A 20 1.19 -6.07 1.15
CA ILE A 20 2.60 -5.76 1.01
C ILE A 20 2.80 -4.55 0.10
N CYS A 21 3.80 -3.74 0.43
CA CYS A 21 4.14 -2.55 -0.35
C CYS A 21 4.97 -2.93 -1.57
N TYR A 22 4.31 -2.95 -2.73
CA TYR A 22 4.95 -3.30 -3.99
C TYR A 22 5.73 -2.12 -4.57
N PRO A 23 6.93 -2.36 -5.16
CA PRO A 23 7.77 -1.31 -5.76
C PRO A 23 7.15 -0.73 -7.05
N THR A 24 5.99 -0.10 -6.89
CA THR A 24 5.24 0.48 -8.00
C THR A 24 5.55 1.96 -8.15
N PHE A 25 5.43 2.46 -9.39
CA PHE A 25 5.71 3.87 -9.68
C PHE A 25 4.42 4.66 -9.93
N PRO A 26 4.37 5.94 -9.48
CA PRO A 26 5.49 6.62 -8.78
C PRO A 26 5.61 6.19 -7.31
N GLU A 27 4.48 5.94 -6.66
CA GLU A 27 4.47 5.52 -5.25
C GLU A 27 4.01 4.05 -5.12
N PRO A 28 4.57 3.28 -4.13
CA PRO A 28 4.21 1.85 -3.92
C PRO A 28 2.75 1.66 -3.51
N ILE A 29 2.23 0.44 -3.76
CA ILE A 29 0.84 0.10 -3.44
C ILE A 29 0.81 -1.12 -2.51
N CYS A 30 -0.25 -1.22 -1.71
CA CYS A 30 -0.44 -2.33 -0.79
C CYS A 30 -1.18 -3.49 -1.46
N GLY A 31 -0.52 -4.66 -1.53
CA GLY A 31 -1.13 -5.83 -2.15
C GLY A 31 -0.57 -7.13 -1.62
N VAL A 32 -1.43 -8.16 -1.57
CA VAL A 32 -1.05 -9.49 -1.08
C VAL A 32 -0.65 -10.41 -2.25
N TRP A 2 -7.28 4.67 9.95
CA TRP A 2 -6.55 5.41 8.93
C TRP A 2 -5.35 4.59 8.45
N CYS A 3 -5.55 3.89 7.34
CA CYS A 3 -4.52 3.05 6.72
C CYS A 3 -4.79 2.85 5.23
N ALA A 4 -3.75 2.43 4.49
CA ALA A 4 -3.84 2.19 3.06
C ALA A 4 -4.33 0.76 2.79
N GLU A 5 -5.45 0.65 2.07
CA GLU A 5 -6.06 -0.65 1.75
C GLU A 5 -5.48 -1.24 0.44
N GLU A 6 -6.25 -2.13 -0.22
CA GLU A 6 -5.81 -2.77 -1.47
C GLU A 6 -6.08 -1.86 -2.67
N GLY A 7 -4.99 -1.46 -3.32
CA GLY A 7 -5.08 -0.57 -4.48
C GLY A 7 -4.75 0.87 -4.14
N GLU A 8 -4.30 1.10 -2.89
CA GLU A 8 -3.93 2.44 -2.43
C GLU A 8 -2.43 2.53 -2.17
N SER A 9 -1.91 3.76 -2.14
CA SER A 9 -0.49 4.00 -1.92
C SER A 9 -0.12 3.92 -0.43
N CYS A 10 0.95 3.18 -0.14
CA CYS A 10 1.43 3.00 1.22
C CYS A 10 2.66 3.89 1.50
N GLU A 11 2.72 5.03 0.79
CA GLU A 11 3.82 6.00 0.92
C GLU A 11 3.60 6.95 2.10
N VAL A 12 2.36 6.96 2.63
CA VAL A 12 1.99 7.81 3.75
C VAL A 12 1.53 6.96 4.94
N TYR A 13 0.74 5.92 4.63
CA TYR A 13 0.22 5.01 5.64
C TYR A 13 0.47 3.55 5.25
N PRO A 14 0.57 2.63 6.27
CA PRO A 14 0.80 1.19 6.03
C PRO A 14 -0.44 0.49 5.42
N CYS A 15 -0.38 -0.85 5.28
CA CYS A 15 -1.50 -1.62 4.74
C CYS A 15 -2.57 -1.86 5.82
N CYS A 16 -3.69 -2.48 5.45
CA CYS A 16 -4.78 -2.72 6.39
C CYS A 16 -5.06 -4.21 6.61
N ASP A 17 -5.32 -4.95 5.53
CA ASP A 17 -5.64 -6.38 5.61
C ASP A 17 -4.37 -7.27 5.61
N GLY A 18 -3.21 -6.63 5.81
CA GLY A 18 -1.93 -7.35 5.84
C GLY A 18 -1.31 -7.45 4.46
N LEU A 19 -1.47 -6.39 3.66
CA LEU A 19 -0.95 -6.32 2.30
C LEU A 19 0.54 -5.96 2.29
N ILE A 20 1.18 -6.15 1.13
CA ILE A 20 2.59 -5.86 0.96
C ILE A 20 2.78 -4.63 0.07
N CYS A 21 3.79 -3.82 0.40
CA CYS A 21 4.11 -2.62 -0.37
C CYS A 21 4.94 -2.98 -1.61
N TYR A 22 4.27 -2.98 -2.75
CA TYR A 22 4.90 -3.30 -4.04
C TYR A 22 5.69 -2.12 -4.59
N PRO A 23 6.89 -2.36 -5.19
CA PRO A 23 7.74 -1.31 -5.77
C PRO A 23 7.12 -0.72 -7.06
N THR A 24 5.96 -0.07 -6.88
CA THR A 24 5.23 0.53 -7.99
C THR A 24 5.56 2.01 -8.14
N PHE A 25 5.45 2.52 -9.36
CA PHE A 25 5.75 3.91 -9.64
C PHE A 25 4.47 4.73 -9.88
N PRO A 26 4.45 6.02 -9.42
CA PRO A 26 5.58 6.67 -8.72
C PRO A 26 5.70 6.25 -7.25
N GLU A 27 4.56 5.96 -6.62
CA GLU A 27 4.52 5.54 -5.22
C GLU A 27 4.04 4.08 -5.08
N PRO A 28 4.58 3.29 -4.10
CA PRO A 28 4.19 1.87 -3.90
C PRO A 28 2.72 1.68 -3.50
N ILE A 29 2.21 0.47 -3.75
CA ILE A 29 0.82 0.13 -3.45
C ILE A 29 0.78 -1.10 -2.51
N CYS A 30 -0.29 -1.19 -1.72
CA CYS A 30 -0.48 -2.30 -0.79
C CYS A 30 -1.23 -3.45 -1.46
N GLY A 31 -0.56 -4.62 -1.53
CA GLY A 31 -1.17 -5.79 -2.16
C GLY A 31 -0.62 -7.10 -1.62
N VAL A 32 -1.51 -8.10 -1.48
CA VAL A 32 -1.13 -9.42 -0.98
C VAL A 32 -0.70 -10.35 -2.12
N TRP A 2 -7.33 4.67 9.88
CA TRP A 2 -6.57 5.41 8.87
C TRP A 2 -5.38 4.57 8.41
N CYS A 3 -5.58 3.88 7.29
CA CYS A 3 -4.55 3.02 6.69
C CYS A 3 -4.79 2.84 5.19
N ALA A 4 -3.73 2.43 4.48
CA ALA A 4 -3.80 2.20 3.03
C ALA A 4 -4.27 0.77 2.74
N GLU A 5 -5.40 0.64 2.05
CA GLU A 5 -5.99 -0.67 1.72
C GLU A 5 -5.43 -1.22 0.40
N GLU A 6 -6.18 -2.12 -0.25
CA GLU A 6 -5.78 -2.74 -1.53
C GLU A 6 -6.07 -1.82 -2.71
N GLY A 7 -4.99 -1.35 -3.36
CA GLY A 7 -5.11 -0.45 -4.49
C GLY A 7 -4.77 0.98 -4.14
N GLU A 8 -4.31 1.20 -2.91
CA GLU A 8 -3.93 2.53 -2.42
C GLU A 8 -2.43 2.60 -2.17
N SER A 9 -1.89 3.83 -2.14
CA SER A 9 -0.47 4.05 -1.91
C SER A 9 -0.10 3.96 -0.43
N CYS A 10 0.96 3.19 -0.14
CA CYS A 10 1.43 3.00 1.23
C CYS A 10 2.66 3.89 1.51
N GLU A 11 2.73 5.02 0.81
CA GLU A 11 3.83 5.98 0.96
C GLU A 11 3.61 6.93 2.14
N VAL A 12 2.38 6.93 2.67
CA VAL A 12 2.01 7.78 3.79
C VAL A 12 1.53 6.92 4.98
N TYR A 13 0.75 5.89 4.67
CA TYR A 13 0.22 4.98 5.68
C TYR A 13 0.47 3.51 5.29
N PRO A 14 0.56 2.60 6.29
CA PRO A 14 0.77 1.15 6.06
C PRO A 14 -0.46 0.46 5.43
N CYS A 15 -0.40 -0.88 5.28
CA CYS A 15 -1.54 -1.63 4.71
C CYS A 15 -2.61 -1.86 5.78
N CYS A 16 -3.75 -2.46 5.39
CA CYS A 16 -4.85 -2.69 6.32
C CYS A 16 -5.12 -4.18 6.56
N ASP A 17 -5.33 -4.95 5.48
CA ASP A 17 -5.63 -6.39 5.57
C ASP A 17 -4.36 -7.24 5.62
N GLY A 18 -3.21 -6.58 5.84
CA GLY A 18 -1.93 -7.29 5.90
C GLY A 18 -1.28 -7.42 4.53
N LEU A 19 -1.46 -6.39 3.71
CA LEU A 19 -0.91 -6.35 2.34
C LEU A 19 0.57 -5.97 2.33
N ILE A 20 1.22 -6.17 1.19
CA ILE A 20 2.63 -5.86 1.01
C ILE A 20 2.81 -4.63 0.11
N CYS A 21 3.82 -3.82 0.43
CA CYS A 21 4.13 -2.62 -0.35
C CYS A 21 4.96 -2.98 -1.57
N TYR A 22 4.31 -2.98 -2.73
CA TYR A 22 4.94 -3.31 -4.00
C TYR A 22 5.71 -2.12 -4.57
N PRO A 23 6.92 -2.35 -5.16
CA PRO A 23 7.75 -1.29 -5.76
C PRO A 23 7.13 -0.72 -7.05
N THR A 24 5.97 -0.09 -6.87
CA THR A 24 5.21 0.50 -7.99
C THR A 24 5.54 1.98 -8.14
N PHE A 25 5.41 2.48 -9.37
CA PHE A 25 5.69 3.89 -9.66
C PHE A 25 4.40 4.68 -9.91
N PRO A 26 4.35 5.97 -9.47
CA PRO A 26 5.47 6.64 -8.76
C PRO A 26 5.60 6.21 -7.30
N GLU A 27 4.46 5.95 -6.64
CA GLU A 27 4.45 5.54 -5.24
C GLU A 27 4.00 4.06 -5.11
N PRO A 28 4.55 3.29 -4.11
CA PRO A 28 4.18 1.86 -3.90
C PRO A 28 2.72 1.67 -3.51
N ILE A 29 2.21 0.46 -3.76
CA ILE A 29 0.82 0.11 -3.43
C ILE A 29 0.79 -1.11 -2.51
N CYS A 30 -0.28 -1.21 -1.72
CA CYS A 30 -0.46 -2.32 -0.79
C CYS A 30 -1.20 -3.48 -1.46
N GLY A 31 -0.54 -4.65 -1.51
CA GLY A 31 -1.13 -5.83 -2.12
C GLY A 31 -0.55 -7.13 -1.59
N VAL A 32 -1.40 -8.16 -1.47
CA VAL A 32 -0.98 -9.48 -0.99
C VAL A 32 -0.54 -10.38 -2.14
N TRP A 2 -7.30 4.68 9.91
CA TRP A 2 -6.55 5.42 8.90
C TRP A 2 -5.36 4.58 8.43
N CYS A 3 -5.56 3.89 7.32
CA CYS A 3 -4.53 3.03 6.70
C CYS A 3 -4.79 2.84 5.21
N ALA A 4 -3.74 2.44 4.48
CA ALA A 4 -3.81 2.19 3.04
C ALA A 4 -4.28 0.75 2.77
N GLU A 5 -5.41 0.62 2.07
CA GLU A 5 -5.99 -0.69 1.75
C GLU A 5 -5.44 -1.25 0.41
N GLU A 6 -6.20 -2.15 -0.22
CA GLU A 6 -5.81 -2.76 -1.50
C GLU A 6 -6.10 -1.84 -2.69
N GLY A 7 -5.03 -1.38 -3.34
CA GLY A 7 -5.16 -0.49 -4.48
C GLY A 7 -4.83 0.96 -4.12
N GLU A 8 -4.34 1.16 -2.90
CA GLU A 8 -3.97 2.50 -2.41
C GLU A 8 -2.47 2.57 -2.16
N SER A 9 -1.94 3.80 -2.13
CA SER A 9 -0.50 4.04 -1.92
C SER A 9 -0.13 3.95 -0.44
N CYS A 10 0.93 3.19 -0.15
CA CYS A 10 1.42 3.01 1.21
C CYS A 10 2.65 3.89 1.48
N GLU A 11 2.72 5.02 0.77
CA GLU A 11 3.83 5.98 0.91
C GLU A 11 3.61 6.93 2.10
N VAL A 12 2.39 6.93 2.64
CA VAL A 12 2.02 7.78 3.76
C VAL A 12 1.54 6.92 4.96
N TYR A 13 0.76 5.89 4.64
CA TYR A 13 0.23 4.98 5.65
C TYR A 13 0.48 3.52 5.27
N PRO A 14 0.57 2.60 6.28
CA PRO A 14 0.79 1.15 6.04
C PRO A 14 -0.45 0.47 5.43
N CYS A 15 -0.40 -0.87 5.27
CA CYS A 15 -1.52 -1.62 4.72
C CYS A 15 -2.59 -1.87 5.80
N CYS A 16 -3.73 -2.46 5.41
CA CYS A 16 -4.83 -2.70 6.34
C CYS A 16 -5.10 -4.19 6.57
N ASP A 17 -5.33 -4.95 5.49
CA ASP A 17 -5.62 -6.38 5.58
C ASP A 17 -4.35 -7.24 5.61
N GLY A 18 -3.20 -6.59 5.85
CA GLY A 18 -1.91 -7.29 5.90
C GLY A 18 -1.28 -7.42 4.53
N LEU A 19 -1.46 -6.38 3.70
CA LEU A 19 -0.92 -6.33 2.34
C LEU A 19 0.57 -5.96 2.34
N ILE A 20 1.21 -6.16 1.18
CA ILE A 20 2.63 -5.85 1.00
C ILE A 20 2.79 -4.63 0.11
N CYS A 21 3.82 -3.82 0.42
CA CYS A 21 4.12 -2.61 -0.35
C CYS A 21 4.95 -2.98 -1.59
N TYR A 22 4.28 -2.97 -2.74
CA TYR A 22 4.92 -3.31 -4.01
C TYR A 22 5.69 -2.12 -4.57
N PRO A 23 6.90 -2.36 -5.17
CA PRO A 23 7.75 -1.29 -5.76
C PRO A 23 7.13 -0.72 -7.05
N THR A 24 5.97 -0.08 -6.87
CA THR A 24 5.23 0.52 -7.99
C THR A 24 5.56 2.00 -8.14
N PHE A 25 5.43 2.51 -9.37
CA PHE A 25 5.73 3.90 -9.65
C PHE A 25 4.45 4.71 -9.88
N PRO A 26 4.43 6.00 -9.44
CA PRO A 26 5.56 6.66 -8.75
C PRO A 26 5.68 6.23 -7.27
N GLU A 27 4.55 5.95 -6.64
CA GLU A 27 4.51 5.53 -5.24
C GLU A 27 4.02 4.08 -5.09
N PRO A 28 4.57 3.30 -4.11
CA PRO A 28 4.19 1.87 -3.90
C PRO A 28 2.72 1.68 -3.50
N ILE A 29 2.21 0.47 -3.75
CA ILE A 29 0.82 0.12 -3.43
C ILE A 29 0.78 -1.10 -2.51
N CYS A 30 -0.29 -1.21 -1.72
CA CYS A 30 -0.48 -2.31 -0.79
C CYS A 30 -1.22 -3.48 -1.46
N GLY A 31 -0.55 -4.63 -1.51
CA GLY A 31 -1.14 -5.83 -2.12
C GLY A 31 -0.55 -7.12 -1.59
N VAL A 32 -1.40 -8.15 -1.48
CA VAL A 32 -0.98 -9.48 -0.99
C VAL A 32 -0.54 -10.37 -2.14
N TRP A 2 -7.29 4.58 9.98
CA TRP A 2 -6.56 5.34 8.97
C TRP A 2 -5.36 4.53 8.49
N CYS A 3 -5.55 3.84 7.37
CA CYS A 3 -4.51 3.02 6.74
C CYS A 3 -4.79 2.83 5.25
N ALA A 4 -3.74 2.42 4.51
CA ALA A 4 -3.84 2.17 3.07
C ALA A 4 -4.33 0.75 2.80
N GLU A 5 -5.45 0.65 2.06
CA GLU A 5 -6.06 -0.65 1.73
C GLU A 5 -5.47 -1.24 0.43
N GLU A 6 -6.25 -2.12 -0.24
CA GLU A 6 -5.81 -2.77 -1.48
C GLU A 6 -6.06 -1.86 -2.68
N GLY A 7 -4.98 -1.46 -3.34
CA GLY A 7 -5.07 -0.58 -4.50
C GLY A 7 -4.75 0.87 -4.17
N GLU A 8 -4.31 1.10 -2.93
CA GLU A 8 -3.95 2.45 -2.47
C GLU A 8 -2.46 2.55 -2.20
N SER A 9 -1.94 3.78 -2.15
CA SER A 9 -0.52 4.03 -1.93
C SER A 9 -0.16 3.93 -0.45
N CYS A 10 0.96 3.26 -0.17
CA CYS A 10 1.43 3.08 1.20
C CYS A 10 2.68 3.94 1.49
N GLU A 11 2.72 5.12 0.87
CA GLU A 11 3.84 6.06 1.05
C GLU A 11 3.65 6.97 2.27
N VAL A 12 2.42 7.01 2.78
CA VAL A 12 2.08 7.83 3.94
C VAL A 12 1.60 6.94 5.10
N TYR A 13 0.78 5.94 4.75
CA TYR A 13 0.25 5.00 5.72
C TYR A 13 0.50 3.54 5.30
N PRO A 14 0.57 2.60 6.28
CA PRO A 14 0.80 1.16 6.01
C PRO A 14 -0.43 0.47 5.39
N CYS A 15 -0.39 -0.86 5.28
CA CYS A 15 -1.51 -1.63 4.72
C CYS A 15 -2.59 -1.87 5.81
N CYS A 16 -3.70 -2.50 5.43
CA CYS A 16 -4.80 -2.74 6.37
C CYS A 16 -5.08 -4.23 6.58
N ASP A 17 -5.35 -4.96 5.49
CA ASP A 17 -5.66 -6.40 5.55
C ASP A 17 -4.39 -7.28 5.58
N GLY A 18 -3.23 -6.65 5.79
CA GLY A 18 -1.97 -7.37 5.82
C GLY A 18 -1.32 -7.47 4.44
N LEU A 19 -1.49 -6.40 3.65
CA LEU A 19 -0.95 -6.32 2.30
C LEU A 19 0.53 -5.95 2.30
N ILE A 20 1.19 -6.13 1.15
CA ILE A 20 2.59 -5.83 0.98
C ILE A 20 2.78 -4.60 0.09
N CYS A 21 3.78 -3.78 0.42
CA CYS A 21 4.11 -2.58 -0.35
C CYS A 21 4.94 -2.95 -1.57
N TYR A 22 4.29 -2.96 -2.73
CA TYR A 22 4.93 -3.30 -4.00
C TYR A 22 5.71 -2.11 -4.56
N PRO A 23 6.92 -2.35 -5.15
CA PRO A 23 7.75 -1.29 -5.74
C PRO A 23 7.14 -0.72 -7.04
N THR A 24 5.98 -0.08 -6.88
CA THR A 24 5.24 0.48 -8.00
C THR A 24 5.56 1.97 -8.16
N PHE A 25 5.45 2.46 -9.40
CA PHE A 25 5.73 3.85 -9.69
C PHE A 25 4.45 4.66 -9.95
N PRO A 26 4.41 5.95 -9.51
CA PRO A 26 5.53 6.62 -8.81
C PRO A 26 5.65 6.22 -7.34
N GLU A 27 4.51 5.91 -6.72
CA GLU A 27 4.46 5.52 -5.31
C GLU A 27 4.00 4.05 -5.16
N PRO A 28 4.55 3.30 -4.15
CA PRO A 28 4.19 1.88 -3.92
C PRO A 28 2.71 1.68 -3.53
N ILE A 29 2.21 0.46 -3.76
CA ILE A 29 0.82 0.12 -3.45
C ILE A 29 0.78 -1.10 -2.52
N CYS A 30 -0.28 -1.20 -1.72
CA CYS A 30 -0.47 -2.30 -0.78
C CYS A 30 -1.21 -3.47 -1.46
N GLY A 31 -0.55 -4.63 -1.53
CA GLY A 31 -1.14 -5.80 -2.15
C GLY A 31 -0.60 -7.11 -1.60
N VAL A 32 -1.48 -8.10 -1.46
CA VAL A 32 -1.11 -9.43 -0.96
C VAL A 32 -0.64 -10.36 -2.09
#